data_1W9O
#
_entry.id   1W9O
#
_cell.length_a   72.134
_cell.length_b   72.134
_cell.length_c   126.221
_cell.angle_alpha   90.00
_cell.angle_beta   90.00
_cell.angle_gamma   90.00
#
_symmetry.space_group_name_H-M   'P 41 21 2'
#
loop_
_entity.id
_entity.type
_entity.pdbx_description
1 polymer 'SYNTENIN 1'
2 polymer 'TNEYYV PEPTIDE'
3 non-polymer 'BENZOIC ACID'
4 water water
#
loop_
_entity_poly.entity_id
_entity_poly.type
_entity_poly.pdbx_seq_one_letter_code
_entity_poly.pdbx_strand_id
1 'polypeptide(L)'
;GAMDPREVILCKDQDGKIGLRLKSIDNGIFVQLVQANSPASLVGLRFGDQVLQINGENCAGWSSDKAHKVLKQAFGEKIT
MTIRDRPFERTITMHKDSTGHVGFIFKNGKITSIVKDSSAARNGLLTEHNICEINGQNVIGLKDSQIADILSTSGTVVTI
TIMPAF
;
A,B
2 'polypeptide(L)' TNEYYV S,T
#
# COMPACT_ATOMS: atom_id res chain seq x y z
N MET A 3 -4.66 -0.92 13.22
CA MET A 3 -3.33 -1.54 12.93
C MET A 3 -3.37 -3.04 13.22
N ASP A 4 -3.98 -3.41 14.35
CA ASP A 4 -3.96 -4.77 14.85
C ASP A 4 -5.07 -5.62 14.24
N PRO A 5 -4.88 -6.93 14.25
CA PRO A 5 -5.91 -7.84 13.72
C PRO A 5 -7.11 -7.95 14.64
N ARG A 6 -8.32 -7.95 14.06
CA ARG A 6 -9.52 -8.30 14.82
C ARG A 6 -10.01 -9.69 14.45
N GLU A 7 -10.77 -10.28 15.36
CA GLU A 7 -11.37 -11.59 15.14
C GLU A 7 -12.82 -11.43 14.79
N VAL A 8 -13.31 -12.27 13.89
CA VAL A 8 -14.72 -12.29 13.55
C VAL A 8 -15.27 -13.69 13.67
N ILE A 9 -16.55 -13.80 14.01
CA ILE A 9 -17.22 -15.07 14.09
C ILE A 9 -18.48 -15.00 13.22
N LEU A 10 -18.57 -15.92 12.26
CA LEU A 10 -19.64 -15.96 11.27
C LEU A 10 -20.35 -17.29 11.32
N CYS A 11 -21.59 -17.31 10.81
CA CYS A 11 -22.35 -18.55 10.66
C CYS A 11 -22.48 -18.96 9.19
N LYS A 12 -22.45 -20.27 8.94
CA LYS A 12 -22.63 -20.83 7.61
C LYS A 12 -24.12 -20.88 7.24
N ASP A 13 -24.39 -20.98 5.94
CA ASP A 13 -25.70 -21.37 5.44
C ASP A 13 -25.75 -22.91 5.40
N GLN A 14 -26.54 -23.48 4.49
CA GLN A 14 -26.74 -24.93 4.43
C GLN A 14 -25.63 -25.59 3.62
N ASP A 15 -25.25 -24.95 2.52
CA ASP A 15 -24.12 -25.41 1.71
C ASP A 15 -22.77 -25.08 2.35
N GLY A 16 -22.77 -24.60 3.60
CA GLY A 16 -21.57 -24.20 4.30
C GLY A 16 -20.89 -22.92 3.86
N LYS A 17 -21.66 -21.95 3.36
CA LYS A 17 -21.10 -20.72 2.80
C LYS A 17 -21.31 -19.51 3.71
N ILE A 18 -20.44 -18.51 3.56
CA ILE A 18 -20.52 -17.28 4.33
C ILE A 18 -20.66 -16.01 3.49
N GLY A 19 -20.56 -16.13 2.17
CA GLY A 19 -20.75 -15.00 1.26
C GLY A 19 -19.47 -14.27 0.90
N LEU A 20 -18.46 -15.03 0.52
CA LEU A 20 -17.08 -14.54 0.49
C LEU A 20 -16.26 -15.21 -0.61
N ARG A 21 -15.66 -14.41 -1.49
CA ARG A 21 -14.64 -14.91 -2.39
C ARG A 21 -13.31 -14.28 -2.02
N LEU A 22 -12.25 -15.08 -2.09
CA LEU A 22 -10.92 -14.72 -1.64
C LEU A 22 -9.92 -14.81 -2.77
N LYS A 23 -8.82 -14.08 -2.63
CA LYS A 23 -7.80 -14.03 -3.64
C LYS A 23 -6.44 -14.16 -2.98
N SER A 24 -5.56 -14.88 -3.67
CA SER A 24 -4.16 -14.98 -3.32
C SER A 24 -3.36 -13.81 -3.89
N ILE A 25 -2.61 -13.13 -3.02
CA ILE A 25 -1.81 -11.97 -3.36
C ILE A 25 -0.58 -11.92 -2.46
N ASP A 26 0.60 -12.00 -3.06
CA ASP A 26 1.89 -11.93 -2.37
C ASP A 26 1.99 -12.88 -1.17
N ASN A 27 1.41 -14.05 -1.34
CA ASN A 27 1.43 -15.14 -0.38
C ASN A 27 0.57 -14.90 0.87
N GLY A 28 -0.30 -13.90 0.78
CA GLY A 28 -1.41 -13.75 1.70
C GLY A 28 -2.71 -14.02 0.97
N ILE A 29 -3.80 -13.95 1.73
CA ILE A 29 -5.15 -14.15 1.26
C ILE A 29 -5.95 -12.89 1.57
N PHE A 30 -6.74 -12.44 0.60
CA PHE A 30 -7.44 -11.16 0.68
C PHE A 30 -8.87 -11.36 0.27
N VAL A 31 -9.74 -10.50 0.76
CA VAL A 31 -11.15 -10.59 0.45
C VAL A 31 -11.33 -9.91 -0.89
N GLN A 32 -11.97 -10.61 -1.82
CA GLN A 32 -12.17 -10.13 -3.20
C GLN A 32 -13.65 -9.78 -3.45
N LEU A 33 -14.56 -10.59 -2.94
CA LEU A 33 -15.99 -10.31 -3.09
C LEU A 33 -16.73 -10.65 -1.81
N VAL A 34 -17.71 -9.81 -1.46
CA VAL A 34 -18.58 -10.04 -0.31
C VAL A 34 -20.07 -9.93 -0.73
N GLN A 35 -20.74 -11.06 -0.86
CA GLN A 35 -22.16 -11.12 -1.17
C GLN A 35 -23.02 -10.30 -0.20
N ALA A 36 -23.99 -9.59 -0.77
CA ALA A 36 -24.94 -8.82 0.01
C ALA A 36 -25.74 -9.67 1.02
N ASN A 37 -25.95 -9.10 2.20
CA ASN A 37 -26.72 -9.72 3.29
C ASN A 37 -26.21 -11.08 3.75
N SER A 38 -24.91 -11.29 3.56
CA SER A 38 -24.25 -12.52 3.98
C SER A 38 -23.74 -12.35 5.41
N PRO A 39 -23.41 -13.46 6.07
CA PRO A 39 -22.67 -13.39 7.33
C PRO A 39 -21.33 -12.65 7.23
N ALA A 40 -20.64 -12.76 6.10
CA ALA A 40 -19.41 -12.01 5.88
C ALA A 40 -19.68 -10.51 5.93
N SER A 41 -20.73 -10.10 5.24
CA SER A 41 -21.14 -8.70 5.17
C SER A 41 -21.46 -8.17 6.57
N LEU A 42 -22.13 -8.98 7.36
CA LEU A 42 -22.64 -8.56 8.65
C LEU A 42 -21.52 -8.28 9.64
N VAL A 43 -20.44 -9.05 9.56
CA VAL A 43 -19.30 -8.86 10.45
C VAL A 43 -18.30 -7.79 9.93
N GLY A 44 -18.63 -7.15 8.79
CA GLY A 44 -17.87 -6.00 8.30
C GLY A 44 -16.66 -6.33 7.43
N LEU A 45 -16.64 -7.53 6.85
CA LEU A 45 -15.58 -7.88 5.91
C LEU A 45 -15.78 -7.10 4.61
N ARG A 46 -14.71 -6.51 4.10
CA ARG A 46 -14.74 -5.83 2.81
C ARG A 46 -13.60 -6.28 1.90
N PHE A 47 -13.83 -6.05 0.61
CA PHE A 47 -12.80 -6.05 -0.41
C PHE A 47 -11.51 -5.42 0.08
N GLY A 48 -10.42 -6.19 0.08
CA GLY A 48 -9.12 -5.65 0.48
C GLY A 48 -8.66 -6.08 1.87
N ASP A 49 -9.59 -6.39 2.76
CA ASP A 49 -9.24 -7.04 4.02
C ASP A 49 -8.30 -8.26 3.81
N GLN A 50 -7.27 -8.37 4.63
CA GLN A 50 -6.39 -9.54 4.63
C GLN A 50 -6.89 -10.53 5.66
N VAL A 51 -6.99 -11.80 5.28
CA VAL A 51 -7.30 -12.91 6.21
C VAL A 51 -6.03 -13.65 6.67
N LEU A 52 -5.70 -13.50 7.95
CA LEU A 52 -4.49 -14.12 8.50
C LEU A 52 -4.71 -15.55 8.89
N GLN A 53 -5.87 -15.85 9.46
CA GLN A 53 -6.21 -17.20 9.87
C GLN A 53 -7.66 -17.51 9.58
N ILE A 54 -7.93 -18.78 9.33
CA ILE A 54 -9.28 -19.32 9.35
C ILE A 54 -9.29 -20.49 10.37
N ASN A 55 -10.08 -20.35 11.42
CA ASN A 55 -10.12 -21.27 12.55
C ASN A 55 -8.71 -21.54 13.17
N GLY A 56 -7.94 -20.46 13.37
CA GLY A 56 -6.61 -20.55 13.95
C GLY A 56 -5.48 -21.03 13.02
N GLU A 57 -5.84 -21.46 11.82
CA GLU A 57 -4.87 -22.01 10.84
C GLU A 57 -4.37 -20.87 9.91
N ASN A 58 -3.06 -20.72 9.81
CA ASN A 58 -2.46 -19.64 9.03
C ASN A 58 -2.77 -19.74 7.56
N CYS A 59 -3.10 -18.60 6.95
CA CYS A 59 -3.50 -18.57 5.55
C CYS A 59 -2.30 -18.44 4.63
N ALA A 60 -1.12 -18.18 5.20
CA ALA A 60 0.07 -17.88 4.41
C ALA A 60 0.43 -18.95 3.38
N GLY A 61 0.54 -18.55 2.13
CA GLY A 61 0.97 -19.43 1.05
C GLY A 61 -0.18 -20.15 0.39
N TRP A 62 -1.37 -20.05 0.96
CA TRP A 62 -2.55 -20.70 0.41
C TRP A 62 -3.00 -20.07 -0.89
N SER A 63 -3.52 -20.88 -1.80
CA SER A 63 -4.18 -20.37 -2.99
C SER A 63 -5.61 -20.02 -2.57
N SER A 64 -6.32 -19.31 -3.43
CA SER A 64 -7.71 -19.02 -3.14
C SER A 64 -8.54 -20.30 -3.15
N ASP A 65 -8.20 -21.25 -4.04
CA ASP A 65 -8.87 -22.56 -4.09
C ASP A 65 -8.70 -23.30 -2.73
N LYS A 66 -7.51 -23.23 -2.14
CA LYS A 66 -7.26 -23.80 -0.82
C LYS A 66 -8.02 -23.02 0.25
N ALA A 67 -8.04 -21.71 0.16
CA ALA A 67 -8.75 -20.90 1.17
C ALA A 67 -10.23 -21.24 1.20
N HIS A 68 -10.84 -21.42 0.03
CA HIS A 68 -12.29 -21.68 -0.07
C HIS A 68 -12.64 -23.07 0.43
N LYS A 69 -11.90 -24.07 -0.07
CA LYS A 69 -11.94 -25.45 0.42
C LYS A 69 -11.91 -25.56 1.96
N VAL A 70 -11.07 -24.76 2.61
CA VAL A 70 -10.93 -24.79 4.07
C VAL A 70 -12.21 -24.24 4.72
N LEU A 71 -12.84 -23.26 4.10
CA LEU A 71 -14.11 -22.75 4.60
C LEU A 71 -15.26 -23.76 4.41
N LYS A 72 -15.31 -24.38 3.23
CA LYS A 72 -16.40 -25.28 2.87
C LYS A 72 -16.34 -26.55 3.74
N GLN A 73 -15.13 -26.99 4.08
CA GLN A 73 -14.93 -28.21 4.86
C GLN A 73 -14.77 -27.96 6.36
N ALA A 74 -14.91 -26.72 6.80
CA ALA A 74 -14.76 -26.38 8.22
C ALA A 74 -15.86 -27.02 9.05
N PHE A 75 -15.49 -27.54 10.22
CA PHE A 75 -16.44 -28.26 11.05
C PHE A 75 -17.28 -27.33 11.89
N GLY A 76 -18.55 -27.69 12.06
CA GLY A 76 -19.42 -26.97 12.95
C GLY A 76 -20.20 -25.87 12.27
N GLU A 77 -20.83 -25.03 13.09
CA GLU A 77 -21.75 -24.01 12.62
C GLU A 77 -21.06 -22.65 12.52
N LYS A 78 -20.12 -22.37 13.42
CA LYS A 78 -19.36 -21.12 13.36
C LYS A 78 -17.99 -21.30 12.72
N ILE A 79 -17.59 -20.30 11.92
CA ILE A 79 -16.24 -20.17 11.41
C ILE A 79 -15.65 -18.92 12.04
N THR A 80 -14.43 -19.03 12.54
CA THR A 80 -13.71 -17.89 13.07
C THR A 80 -12.63 -17.47 12.08
N MET A 81 -12.47 -16.18 11.89
CA MET A 81 -11.37 -15.66 11.07
C MET A 81 -10.65 -14.56 11.81
N THR A 82 -9.34 -14.50 11.61
CA THR A 82 -8.55 -13.40 12.12
C THR A 82 -8.21 -12.51 10.93
N ILE A 83 -8.46 -11.23 11.10
CA ILE A 83 -8.54 -10.31 9.98
C ILE A 83 -7.68 -9.09 10.22
N ARG A 84 -6.99 -8.63 9.18
CA ARG A 84 -6.36 -7.31 9.19
C ARG A 84 -7.12 -6.42 8.20
N ASP A 85 -7.72 -5.34 8.71
CA ASP A 85 -8.51 -4.40 7.91
C ASP A 85 -7.68 -3.75 6.81
N ARG A 86 -8.25 -3.74 5.61
CA ARG A 86 -7.60 -3.27 4.38
C ARG A 86 -6.22 -2.69 4.61
N PRO A 87 -5.20 -3.53 4.56
CA PRO A 87 -3.82 -3.07 4.75
C PRO A 87 -3.33 -2.09 3.68
N PHE A 88 -3.89 -2.21 2.47
CA PHE A 88 -3.49 -1.38 1.33
C PHE A 88 -4.26 -0.07 1.15
N GLU A 89 -5.25 0.21 1.99
CA GLU A 89 -6.10 1.37 1.75
C GLU A 89 -5.46 2.71 2.15
N ARG A 90 -5.65 3.72 1.29
CA ARG A 90 -5.25 5.08 1.59
C ARG A 90 -6.45 5.97 1.38
N THR A 91 -6.38 7.17 1.94
CA THR A 91 -7.43 8.17 1.82
C THR A 91 -6.87 9.43 1.18
N ILE A 92 -7.59 9.95 0.17
CA ILE A 92 -7.27 11.23 -0.45
C ILE A 92 -8.48 12.18 -0.46
N THR A 93 -8.25 13.40 0.03
CA THR A 93 -9.22 14.47 0.01
C THR A 93 -8.89 15.44 -1.11
N MET A 94 -9.89 15.75 -1.93
CA MET A 94 -9.78 16.69 -3.04
C MET A 94 -10.85 17.76 -2.96
N HIS A 95 -10.64 18.87 -3.69
CA HIS A 95 -11.59 19.98 -3.79
C HIS A 95 -12.02 20.11 -5.24
N LYS A 96 -13.33 20.14 -5.50
CA LYS A 96 -13.82 20.42 -6.85
C LYS A 96 -13.43 21.85 -7.24
N ASP A 97 -13.09 22.07 -8.50
CA ASP A 97 -12.72 23.40 -8.96
C ASP A 97 -14.00 24.17 -9.33
N SER A 98 -13.89 25.15 -10.23
CA SER A 98 -15.06 25.96 -10.62
C SER A 98 -16.03 25.09 -11.39
N THR A 99 -15.51 24.32 -12.35
CA THR A 99 -16.32 23.43 -13.17
C THR A 99 -17.02 22.28 -12.40
N GLY A 100 -16.69 22.08 -11.12
CA GLY A 100 -17.27 21.00 -10.31
C GLY A 100 -16.53 19.66 -10.45
N HIS A 101 -15.30 19.69 -10.95
CA HIS A 101 -14.47 18.50 -11.12
C HIS A 101 -13.30 18.51 -10.14
N VAL A 102 -12.96 17.33 -9.62
CA VAL A 102 -11.75 17.12 -8.78
C VAL A 102 -10.51 16.82 -9.62
N GLY A 103 -10.68 16.13 -10.74
CA GLY A 103 -9.64 16.02 -11.74
C GLY A 103 -9.08 14.65 -12.05
N PHE A 104 -9.93 13.65 -12.21
CA PHE A 104 -9.50 12.33 -12.66
C PHE A 104 -10.51 11.63 -13.55
N ILE A 105 -10.02 10.72 -14.38
CA ILE A 105 -10.86 9.83 -15.18
C ILE A 105 -10.88 8.45 -14.53
N PHE A 106 -12.06 7.81 -14.50
CA PHE A 106 -12.16 6.44 -14.02
C PHE A 106 -13.02 5.55 -14.93
N LYS A 107 -12.78 4.26 -14.84
CA LYS A 107 -13.60 3.26 -15.52
C LYS A 107 -13.54 1.97 -14.72
N ASN A 108 -14.70 1.37 -14.50
CA ASN A 108 -14.83 0.15 -13.72
C ASN A 108 -14.18 0.32 -12.34
N GLY A 109 -14.49 1.42 -11.67
CA GLY A 109 -14.01 1.66 -10.32
C GLY A 109 -12.50 1.84 -10.10
N LYS A 110 -11.72 1.82 -11.17
CA LYS A 110 -10.28 2.05 -11.13
C LYS A 110 -9.91 3.43 -11.72
N ILE A 111 -9.01 4.17 -11.06
CA ILE A 111 -8.57 5.45 -11.58
C ILE A 111 -7.58 5.19 -12.71
N THR A 112 -7.86 5.75 -13.89
CA THR A 112 -7.02 5.55 -15.08
C THR A 112 -6.24 6.77 -15.56
N SER A 113 -6.70 7.99 -15.26
CA SER A 113 -5.91 9.18 -15.56
C SER A 113 -6.09 10.34 -14.57
N ILE A 114 -5.00 11.08 -14.36
CA ILE A 114 -4.98 12.28 -13.53
C ILE A 114 -4.92 13.50 -14.46
N VAL A 115 -5.84 14.44 -14.27
CA VAL A 115 -5.96 15.64 -15.08
C VAL A 115 -4.93 16.68 -14.60
N LYS A 116 -4.39 17.45 -15.54
CA LYS A 116 -3.25 18.32 -15.26
C LYS A 116 -3.68 19.46 -14.34
N ASP A 117 -2.90 19.65 -13.27
CA ASP A 117 -3.04 20.76 -12.35
C ASP A 117 -4.40 20.89 -11.65
N SER A 118 -5.14 19.78 -11.59
CA SER A 118 -6.38 19.68 -10.80
C SER A 118 -6.05 19.34 -9.33
N SER A 119 -7.08 19.30 -8.47
CA SER A 119 -6.90 18.94 -7.07
C SER A 119 -6.41 17.49 -6.91
N ALA A 120 -6.91 16.59 -7.77
CA ALA A 120 -6.38 15.24 -7.83
C ALA A 120 -4.88 15.20 -8.16
N ALA A 121 -4.43 16.11 -9.03
CA ALA A 121 -3.00 16.23 -9.30
C ALA A 121 -2.22 16.78 -8.12
N ARG A 122 -2.70 17.86 -7.53
CA ARG A 122 -2.04 18.49 -6.38
C ARG A 122 -1.90 17.51 -5.21
N ASN A 123 -2.91 16.64 -5.07
CA ASN A 123 -2.99 15.69 -3.98
C ASN A 123 -2.35 14.34 -4.29
N GLY A 124 -1.71 14.21 -5.45
CA GLY A 124 -0.98 13.02 -5.80
C GLY A 124 -1.81 11.75 -5.88
N LEU A 125 -3.04 11.89 -6.37
CA LEU A 125 -3.87 10.74 -6.68
C LEU A 125 -3.16 9.86 -7.70
N LEU A 126 -3.19 8.55 -7.49
CA LEU A 126 -2.51 7.59 -8.35
C LEU A 126 -3.51 6.77 -9.19
N THR A 127 -3.10 6.41 -10.41
CA THR A 127 -3.89 5.57 -11.30
C THR A 127 -3.67 4.11 -10.90
N GLU A 128 -4.25 3.17 -11.65
CA GLU A 128 -4.22 1.76 -11.31
C GLU A 128 -4.61 1.50 -9.83
N HIS A 129 -5.58 2.27 -9.33
CA HIS A 129 -6.07 2.17 -7.95
C HIS A 129 -7.59 2.09 -7.94
N ASN A 130 -8.15 1.12 -7.21
CA ASN A 130 -9.60 1.02 -7.10
C ASN A 130 -10.14 2.05 -6.13
N ILE A 131 -11.33 2.52 -6.41
CA ILE A 131 -12.05 3.45 -5.56
C ILE A 131 -12.95 2.58 -4.68
N CYS A 132 -12.79 2.69 -3.35
CA CYS A 132 -13.55 1.88 -2.38
C CYS A 132 -14.72 2.64 -1.79
N GLU A 133 -14.47 3.87 -1.34
CA GLU A 133 -15.47 4.70 -0.70
C GLU A 133 -15.35 6.14 -1.20
N ILE A 134 -16.47 6.85 -1.25
CA ILE A 134 -16.52 8.28 -1.56
C ILE A 134 -17.44 8.94 -0.54
N ASN A 135 -16.87 9.74 0.36
CA ASN A 135 -17.61 10.45 1.39
C ASN A 135 -18.48 9.53 2.23
N GLY A 136 -17.90 8.43 2.70
CA GLY A 136 -18.62 7.47 3.50
C GLY A 136 -19.31 6.38 2.68
N GLN A 137 -19.64 6.66 1.43
CA GLN A 137 -20.41 5.72 0.63
C GLN A 137 -19.54 4.68 -0.09
N ASN A 138 -19.73 3.41 0.24
CA ASN A 138 -19.03 2.33 -0.43
C ASN A 138 -19.50 2.18 -1.88
N VAL A 139 -18.55 2.06 -2.80
CA VAL A 139 -18.83 2.04 -4.23
C VAL A 139 -18.36 0.76 -4.93
N ILE A 140 -17.77 -0.16 -4.17
CA ILE A 140 -17.41 -1.49 -4.67
C ILE A 140 -18.66 -2.25 -5.02
N GLY A 141 -18.68 -2.84 -6.22
CA GLY A 141 -19.86 -3.52 -6.72
C GLY A 141 -20.91 -2.62 -7.35
N LEU A 142 -20.56 -1.35 -7.60
CA LEU A 142 -21.46 -0.41 -8.27
C LEU A 142 -21.00 -0.17 -9.68
N LYS A 143 -21.92 0.36 -10.50
CA LYS A 143 -21.60 0.69 -11.89
C LYS A 143 -21.03 2.10 -11.95
N ASP A 144 -20.23 2.35 -12.98
CA ASP A 144 -19.57 3.63 -13.13
C ASP A 144 -20.51 4.80 -13.02
N SER A 145 -21.74 4.66 -13.54
CA SER A 145 -22.71 5.76 -13.52
C SER A 145 -23.15 6.15 -12.12
N GLN A 146 -23.33 5.16 -11.25
CA GLN A 146 -23.69 5.41 -9.85
C GLN A 146 -22.56 6.11 -9.08
N ILE A 147 -21.32 5.77 -9.43
CA ILE A 147 -20.15 6.39 -8.83
C ILE A 147 -20.01 7.85 -9.30
N ALA A 148 -20.28 8.11 -10.58
CA ALA A 148 -20.22 9.47 -11.13
C ALA A 148 -21.32 10.36 -10.58
N ASP A 149 -22.45 9.75 -10.22
CA ASP A 149 -23.58 10.47 -9.64
C ASP A 149 -23.34 10.76 -8.17
N ILE A 150 -22.63 9.88 -7.49
CA ILE A 150 -22.25 10.12 -6.09
C ILE A 150 -21.29 11.33 -6.04
N LEU A 151 -20.38 11.39 -7.00
CA LEU A 151 -19.41 12.46 -7.10
C LEU A 151 -20.07 13.78 -7.48
N SER A 152 -21.16 13.74 -8.23
CA SER A 152 -21.85 14.93 -8.75
C SER A 152 -22.58 15.67 -7.63
N THR A 153 -23.42 14.96 -6.88
CA THR A 153 -24.21 15.57 -5.80
C THR A 153 -23.34 15.81 -4.58
N SER A 154 -22.09 15.34 -4.62
CA SER A 154 -21.14 15.70 -3.57
C SER A 154 -20.95 17.21 -3.54
N GLY A 155 -20.85 17.75 -2.34
CA GLY A 155 -20.32 19.09 -2.16
C GLY A 155 -18.87 19.19 -2.62
N THR A 156 -18.23 20.30 -2.23
CA THR A 156 -16.88 20.63 -2.70
C THR A 156 -15.80 19.62 -2.26
N VAL A 157 -15.74 19.34 -0.96
CA VAL A 157 -14.78 18.37 -0.42
C VAL A 157 -15.19 16.93 -0.78
N VAL A 158 -14.33 16.26 -1.56
CA VAL A 158 -14.53 14.88 -1.95
C VAL A 158 -13.41 14.05 -1.37
N THR A 159 -13.78 13.13 -0.48
CA THR A 159 -12.84 12.29 0.25
C THR A 159 -13.01 10.85 -0.19
N ILE A 160 -12.05 10.34 -0.98
CA ILE A 160 -12.04 8.96 -1.44
C ILE A 160 -11.00 8.07 -0.75
N THR A 161 -11.36 6.84 -0.46
CA THR A 161 -10.39 5.82 -0.12
C THR A 161 -10.17 4.96 -1.35
N ILE A 162 -8.90 4.64 -1.60
CA ILE A 162 -8.42 3.91 -2.75
C ILE A 162 -7.53 2.76 -2.31
N MET A 163 -7.26 1.85 -3.22
CA MET A 163 -6.34 0.75 -2.99
C MET A 163 -5.66 0.42 -4.31
N PRO A 164 -4.38 0.07 -4.31
CA PRO A 164 -3.74 -0.42 -5.53
C PRO A 164 -4.44 -1.67 -6.06
N ALA A 165 -4.71 -1.73 -7.36
CA ALA A 165 -5.49 -2.83 -7.97
C ALA A 165 -4.90 -4.23 -7.74
N PHE A 166 -3.58 -4.38 -7.89
CA PHE A 166 -2.88 -5.59 -7.42
C PHE A 166 -3.46 -6.93 -7.91
N MET B 3 0.33 11.83 7.59
CA MET B 3 -0.89 12.09 6.76
C MET B 3 -0.67 13.25 5.76
N ASP B 4 -0.65 14.49 6.27
CA ASP B 4 -0.47 15.67 5.42
C ASP B 4 0.92 15.63 4.82
N PRO B 5 1.11 16.28 3.68
CA PRO B 5 2.45 16.36 3.08
C PRO B 5 3.29 17.37 3.86
N ARG B 6 4.60 17.35 3.62
CA ARG B 6 5.52 18.32 4.18
C ARG B 6 6.38 18.94 3.08
N GLU B 7 6.85 20.14 3.37
CA GLU B 7 7.64 20.90 2.42
C GLU B 7 9.09 20.83 2.88
N VAL B 8 9.99 20.61 1.95
CA VAL B 8 11.42 20.61 2.23
C VAL B 8 12.09 21.55 1.23
N ILE B 9 13.24 22.07 1.63
CA ILE B 9 14.03 22.97 0.79
C ILE B 9 15.43 22.43 0.76
N LEU B 10 15.85 21.95 -0.41
CA LEU B 10 17.19 21.42 -0.61
C LEU B 10 18.11 22.48 -1.21
N CYS B 11 19.41 22.27 -1.09
CA CYS B 11 20.41 23.15 -1.69
C CYS B 11 21.38 22.34 -2.54
N LYS B 12 21.55 22.73 -3.80
CA LYS B 12 22.43 22.00 -4.72
C LYS B 12 23.89 22.13 -4.27
N ASP B 13 24.66 21.07 -4.51
CA ASP B 13 26.11 21.10 -4.27
C ASP B 13 26.84 21.91 -5.38
N GLN B 14 28.14 21.64 -5.56
CA GLN B 14 29.02 22.34 -6.51
C GLN B 14 28.58 22.29 -8.00
N ASP B 15 28.20 21.11 -8.48
CA ASP B 15 27.77 20.93 -9.88
C ASP B 15 26.31 21.30 -10.05
N GLY B 16 25.49 20.78 -9.13
CA GLY B 16 24.04 20.90 -9.21
C GLY B 16 23.30 19.60 -8.90
N LYS B 17 23.98 18.64 -8.25
CA LYS B 17 23.41 17.34 -7.90
C LYS B 17 22.85 17.38 -6.46
N ILE B 18 21.85 16.54 -6.18
CA ILE B 18 21.19 16.53 -4.87
C ILE B 18 21.13 15.16 -4.17
N GLY B 19 21.65 14.13 -4.83
CA GLY B 19 21.76 12.80 -4.23
C GLY B 19 20.50 11.96 -4.33
N LEU B 20 19.74 12.14 -5.40
CA LEU B 20 18.39 11.59 -5.50
C LEU B 20 18.11 10.92 -6.85
N ARG B 21 17.63 9.68 -6.80
CA ARG B 21 17.06 8.99 -7.96
C ARG B 21 15.56 8.78 -7.70
N LEU B 22 14.75 8.97 -8.74
CA LEU B 22 13.29 8.91 -8.66
C LEU B 22 12.70 7.89 -9.66
N LYS B 23 11.40 7.60 -9.51
CA LYS B 23 10.73 6.56 -10.26
C LYS B 23 9.27 6.91 -10.45
N SER B 24 8.80 6.84 -11.70
CA SER B 24 7.36 6.92 -12.00
C SER B 24 6.64 5.61 -11.59
N ILE B 25 5.55 5.75 -10.82
CA ILE B 25 4.71 4.64 -10.37
C ILE B 25 3.27 5.13 -10.34
N ASP B 26 2.41 4.54 -11.17
CA ASP B 26 0.98 4.85 -11.17
C ASP B 26 0.73 6.35 -11.34
N ASN B 27 1.52 6.97 -12.23
CA ASN B 27 1.44 8.40 -12.56
C ASN B 27 1.81 9.31 -11.38
N GLY B 28 2.62 8.77 -10.48
CA GLY B 28 3.22 9.52 -9.40
C GLY B 28 4.72 9.40 -9.55
N ILE B 29 5.44 10.20 -8.75
CA ILE B 29 6.88 10.18 -8.71
C ILE B 29 7.27 9.77 -7.30
N PHE B 30 8.18 8.82 -7.19
CA PHE B 30 8.62 8.31 -5.90
C PHE B 30 10.14 8.27 -5.80
N VAL B 31 10.62 8.49 -4.59
CA VAL B 31 12.04 8.42 -4.28
C VAL B 31 12.50 6.96 -4.37
N GLN B 32 13.40 6.70 -5.31
CA GLN B 32 13.94 5.36 -5.59
C GLN B 32 15.26 5.07 -4.84
N LEU B 33 16.15 6.05 -4.77
CA LEU B 33 17.37 5.92 -3.95
C LEU B 33 17.86 7.26 -3.36
N VAL B 34 18.32 7.22 -2.12
CA VAL B 34 18.82 8.41 -1.43
C VAL B 34 20.25 8.16 -0.95
N GLN B 35 21.20 8.72 -1.70
CA GLN B 35 22.60 8.81 -1.29
C GLN B 35 22.71 9.44 0.09
N ALA B 36 23.58 8.88 0.92
CA ALA B 36 23.83 9.40 2.26
C ALA B 36 24.70 10.65 2.19
N ASN B 37 24.54 11.52 3.20
CA ASN B 37 25.22 12.82 3.29
C ASN B 37 25.07 13.72 2.06
N SER B 38 23.91 13.61 1.42
CA SER B 38 23.53 14.51 0.34
C SER B 38 22.51 15.47 0.91
N PRO B 39 22.16 16.51 0.15
CA PRO B 39 21.02 17.35 0.53
C PRO B 39 19.70 16.54 0.67
N ALA B 40 19.52 15.48 -0.13
CA ALA B 40 18.33 14.62 -0.02
C ALA B 40 18.26 13.95 1.34
N SER B 41 19.41 13.52 1.84
CA SER B 41 19.51 12.93 3.17
C SER B 41 19.30 13.98 4.28
N LEU B 42 19.74 15.21 4.03
CA LEU B 42 19.65 16.28 5.02
C LEU B 42 18.20 16.59 5.33
N VAL B 43 17.38 16.70 4.29
CA VAL B 43 15.96 17.03 4.46
C VAL B 43 15.04 15.82 4.70
N GLY B 44 15.61 14.67 5.05
CA GLY B 44 14.86 13.51 5.50
C GLY B 44 14.11 12.68 4.46
N LEU B 45 14.47 12.80 3.18
CA LEU B 45 13.87 12.01 2.11
C LEU B 45 14.28 10.55 2.21
N ARG B 46 13.32 9.65 1.99
CA ARG B 46 13.57 8.21 1.99
C ARG B 46 12.93 7.49 0.81
N PHE B 47 13.42 6.28 0.57
CA PHE B 47 12.81 5.32 -0.34
C PHE B 47 11.30 5.17 -0.08
N GLY B 48 10.48 5.41 -1.09
CA GLY B 48 9.04 5.26 -0.98
C GLY B 48 8.29 6.57 -0.87
N ASP B 49 8.96 7.63 -0.42
CA ASP B 49 8.36 8.97 -0.36
C ASP B 49 7.81 9.37 -1.73
N GLN B 50 6.61 9.95 -1.73
CA GLN B 50 6.00 10.46 -2.93
C GLN B 50 6.33 11.95 -3.07
N VAL B 51 6.83 12.34 -4.23
CA VAL B 51 7.12 13.74 -4.53
C VAL B 51 5.91 14.32 -5.25
N LEU B 52 5.16 15.14 -4.53
CA LEU B 52 3.94 15.71 -5.07
C LEU B 52 4.23 16.89 -5.95
N GLN B 53 5.25 17.65 -5.59
CA GLN B 53 5.57 18.89 -6.27
C GLN B 53 7.06 19.19 -6.21
N ILE B 54 7.58 19.79 -7.25
CA ILE B 54 8.97 20.27 -7.29
C ILE B 54 8.91 21.67 -7.87
N ASN B 55 9.48 22.62 -7.13
CA ASN B 55 9.50 24.04 -7.50
C ASN B 55 8.17 24.59 -8.03
N GLY B 56 7.08 24.27 -7.32
CA GLY B 56 5.77 24.82 -7.62
C GLY B 56 5.07 24.20 -8.82
N GLU B 57 5.60 23.10 -9.31
CA GLU B 57 5.00 22.31 -10.38
C GLU B 57 4.60 20.93 -9.86
N ASN B 58 3.37 20.51 -10.12
CA ASN B 58 2.89 19.14 -9.84
C ASN B 58 3.67 18.08 -10.63
N CYS B 59 4.06 17.02 -9.92
CA CYS B 59 4.80 15.91 -10.52
C CYS B 59 3.90 14.84 -11.14
N ALA B 60 2.59 15.00 -10.99
CA ALA B 60 1.64 14.04 -11.52
C ALA B 60 1.89 13.83 -13.01
N GLY B 61 2.00 12.56 -13.41
CA GLY B 61 2.17 12.22 -14.80
C GLY B 61 3.58 12.32 -15.31
N TRP B 62 4.53 12.76 -14.48
CA TRP B 62 5.90 12.94 -14.92
C TRP B 62 6.56 11.57 -15.00
N SER B 63 7.40 11.40 -16.01
CA SER B 63 8.24 10.24 -16.14
C SER B 63 9.46 10.42 -15.24
N SER B 64 10.14 9.32 -14.92
CA SER B 64 11.45 9.37 -14.26
C SER B 64 12.38 10.36 -14.95
N ASP B 65 12.55 10.22 -16.27
CA ASP B 65 13.51 11.06 -16.99
C ASP B 65 13.17 12.54 -16.90
N LYS B 66 11.90 12.88 -17.02
CA LYS B 66 11.48 14.28 -16.89
C LYS B 66 11.78 14.86 -15.51
N ALA B 67 11.39 14.15 -14.46
CA ALA B 67 11.64 14.57 -13.08
C ALA B 67 13.14 14.78 -12.81
N HIS B 68 13.95 13.83 -13.25
CA HIS B 68 15.42 13.92 -13.19
C HIS B 68 15.97 15.10 -14.02
N LYS B 69 15.37 15.35 -15.19
CA LYS B 69 15.78 16.46 -16.05
C LYS B 69 15.52 17.77 -15.34
N VAL B 70 14.37 17.85 -14.67
CA VAL B 70 13.93 19.11 -14.06
C VAL B 70 14.84 19.45 -12.89
N LEU B 71 15.23 18.44 -12.13
CA LEU B 71 16.12 18.62 -10.98
C LEU B 71 17.56 19.00 -11.37
N LYS B 72 17.90 18.79 -12.63
CA LYS B 72 19.18 19.20 -13.20
C LYS B 72 19.13 20.66 -13.65
N GLN B 73 18.05 21.02 -14.35
CA GLN B 73 17.93 22.33 -15.00
C GLN B 73 17.23 23.40 -14.14
N ALA B 74 17.16 23.17 -12.84
CA ALA B 74 16.44 24.08 -11.95
C ALA B 74 17.16 25.44 -11.88
N PHE B 75 16.38 26.50 -11.80
CA PHE B 75 16.91 27.86 -11.75
C PHE B 75 17.31 28.24 -10.32
N GLY B 76 18.63 28.26 -10.06
CA GLY B 76 19.16 28.70 -8.79
C GLY B 76 19.64 27.54 -7.93
N GLU B 77 20.11 27.89 -6.73
CA GLU B 77 20.74 26.92 -5.81
C GLU B 77 19.73 26.28 -4.84
N LYS B 78 18.48 26.74 -4.87
CA LYS B 78 17.45 26.26 -3.95
C LYS B 78 16.37 25.44 -4.66
N ILE B 79 16.12 24.23 -4.17
CA ILE B 79 15.05 23.38 -4.71
C ILE B 79 13.97 23.11 -3.65
N THR B 80 12.74 23.50 -4.00
CA THR B 80 11.58 23.27 -3.15
C THR B 80 10.86 21.97 -3.57
N MET B 81 10.55 21.12 -2.58
CA MET B 81 9.71 19.94 -2.78
C MET B 81 8.59 19.80 -1.76
N THR B 82 7.43 19.30 -2.21
CA THR B 82 6.39 18.84 -1.31
C THR B 82 6.27 17.32 -1.38
N ILE B 83 6.35 16.69 -0.22
CA ILE B 83 6.50 15.24 -0.06
C ILE B 83 5.32 14.64 0.72
N ARG B 84 4.84 13.49 0.28
CA ARG B 84 4.00 12.61 1.10
C ARG B 84 4.85 11.46 1.60
N ASP B 85 5.10 11.43 2.90
CA ASP B 85 5.85 10.34 3.53
C ASP B 85 5.36 8.95 3.15
N ARG B 86 6.27 8.19 2.54
CA ARG B 86 6.05 6.81 2.05
C ARG B 86 4.64 6.30 2.27
N PRO B 87 3.74 6.60 1.34
CA PRO B 87 2.34 6.24 1.50
C PRO B 87 2.07 4.72 1.38
N PHE B 88 2.96 3.97 0.74
CA PHE B 88 2.84 2.51 0.63
C PHE B 88 3.43 1.74 1.85
N GLU B 89 3.99 2.44 2.82
CA GLU B 89 4.71 1.78 3.94
C GLU B 89 3.77 1.11 4.94
N ARG B 90 4.17 -0.06 5.43
CA ARG B 90 3.42 -0.85 6.39
C ARG B 90 4.40 -1.46 7.41
N THR B 91 3.98 -1.52 8.66
CA THR B 91 4.78 -2.05 9.74
C THR B 91 4.24 -3.41 10.16
N ILE B 92 5.12 -4.41 10.29
CA ILE B 92 4.73 -5.72 10.80
C ILE B 92 5.65 -6.11 11.95
N THR B 93 5.03 -6.55 13.04
CA THR B 93 5.77 -6.93 14.25
C THR B 93 5.77 -8.45 14.43
N MET B 94 6.96 -9.04 14.47
CA MET B 94 7.13 -10.47 14.63
C MET B 94 7.96 -10.80 15.86
N HIS B 95 7.83 -12.02 16.35
CA HIS B 95 8.60 -12.54 17.47
C HIS B 95 9.45 -13.74 17.03
N LYS B 96 10.68 -13.83 17.51
CA LYS B 96 11.58 -14.91 17.11
C LYS B 96 11.17 -16.19 17.82
N ASP B 97 11.30 -17.31 17.12
CA ASP B 97 11.11 -18.62 17.75
C ASP B 97 12.41 -19.02 18.45
N SER B 98 12.56 -20.29 18.85
CA SER B 98 13.74 -20.72 19.62
C SER B 98 15.00 -20.93 18.79
N THR B 99 14.85 -21.06 17.47
CA THR B 99 16.00 -21.10 16.54
C THR B 99 16.47 -19.69 16.15
N GLY B 100 15.82 -18.65 16.69
CA GLY B 100 16.16 -17.27 16.40
C GLY B 100 15.55 -16.74 15.12
N HIS B 101 14.58 -17.47 14.58
CA HIS B 101 13.99 -17.10 13.31
C HIS B 101 12.59 -16.53 13.42
N VAL B 102 12.40 -15.48 12.65
CA VAL B 102 11.13 -14.78 12.56
C VAL B 102 10.22 -15.46 11.51
N GLY B 103 10.84 -16.08 10.51
CA GLY B 103 10.17 -16.92 9.53
C GLY B 103 9.99 -16.46 8.09
N PHE B 104 10.99 -15.83 7.48
CA PHE B 104 10.93 -15.53 6.04
C PHE B 104 12.26 -15.62 5.26
N ILE B 105 12.15 -15.88 3.97
CA ILE B 105 13.29 -15.89 3.06
C ILE B 105 13.35 -14.54 2.32
N PHE B 106 14.53 -13.92 2.26
CA PHE B 106 14.73 -12.74 1.45
C PHE B 106 16.03 -12.78 0.61
N LYS B 107 16.04 -11.98 -0.43
CA LYS B 107 17.12 -11.96 -1.42
C LYS B 107 17.04 -10.63 -2.12
N ASN B 108 18.16 -9.93 -2.17
CA ASN B 108 18.22 -8.56 -2.65
C ASN B 108 17.23 -7.60 -1.96
N GLY B 109 17.07 -7.77 -0.65
CA GLY B 109 16.29 -6.82 0.13
C GLY B 109 14.79 -7.03 0.00
N LYS B 110 14.40 -8.07 -0.71
CA LYS B 110 13.01 -8.37 -0.98
C LYS B 110 12.63 -9.74 -0.40
N ILE B 111 11.54 -9.76 0.37
CA ILE B 111 10.95 -10.99 0.89
C ILE B 111 10.39 -11.82 -0.25
N THR B 112 10.83 -13.07 -0.34
CA THR B 112 10.42 -13.98 -1.41
C THR B 112 9.68 -15.22 -0.91
N SER B 113 9.85 -15.59 0.37
CA SER B 113 9.13 -16.73 0.92
C SER B 113 8.74 -16.52 2.39
N ILE B 114 7.62 -17.13 2.79
CA ILE B 114 7.16 -17.07 4.18
C ILE B 114 7.17 -18.50 4.71
N VAL B 115 7.90 -18.72 5.80
CA VAL B 115 8.11 -20.07 6.29
C VAL B 115 6.90 -20.51 7.12
N LYS B 116 6.38 -21.69 6.77
CA LYS B 116 5.25 -22.31 7.44
C LYS B 116 5.44 -22.35 8.96
N ASP B 117 4.37 -22.07 9.69
CA ASP B 117 4.29 -22.15 11.17
C ASP B 117 5.16 -21.14 11.90
N SER B 118 5.48 -20.02 11.26
CA SER B 118 6.33 -19.00 11.89
C SER B 118 5.55 -17.74 12.23
N SER B 119 6.21 -16.83 12.94
CA SER B 119 5.61 -15.55 13.35
C SER B 119 5.29 -14.67 12.14
N ALA B 120 6.06 -14.86 11.08
CA ALA B 120 5.88 -14.16 9.82
C ALA B 120 4.55 -14.57 9.18
N ALA B 121 4.34 -15.88 9.04
CA ALA B 121 3.05 -16.45 8.62
C ALA B 121 1.89 -16.04 9.52
N ARG B 122 2.17 -15.99 10.83
CA ARG B 122 1.16 -15.65 11.83
C ARG B 122 0.68 -14.24 11.64
N ASN B 123 1.60 -13.35 11.32
CA ASN B 123 1.30 -11.93 11.22
C ASN B 123 1.07 -11.43 9.77
N GLY B 124 1.12 -12.37 8.83
CA GLY B 124 0.72 -12.11 7.46
C GLY B 124 1.72 -11.30 6.71
N LEU B 125 3.00 -11.55 6.94
CA LEU B 125 4.03 -10.96 6.12
C LEU B 125 3.80 -11.32 4.65
N LEU B 126 4.00 -10.35 3.75
CA LEU B 126 3.77 -10.58 2.32
C LEU B 126 5.08 -10.68 1.59
N THR B 127 5.10 -11.48 0.53
CA THR B 127 6.24 -11.51 -0.37
C THR B 127 6.22 -10.35 -1.37
N GLU B 128 7.19 -10.33 -2.29
CA GLU B 128 7.30 -9.26 -3.26
C GLU B 128 7.22 -7.89 -2.57
N HIS B 129 7.81 -7.80 -1.38
CA HIS B 129 7.87 -6.56 -0.64
C HIS B 129 9.33 -6.29 -0.29
N ASN B 130 9.72 -5.03 -0.41
CA ASN B 130 11.04 -4.58 0.00
C ASN B 130 11.08 -4.28 1.48
N ILE B 131 12.21 -4.60 2.11
CA ILE B 131 12.46 -4.30 3.51
C ILE B 131 13.06 -2.91 3.55
N CYS B 132 12.45 -2.03 4.34
CA CYS B 132 12.88 -0.64 4.44
C CYS B 132 13.61 -0.35 5.73
N GLU B 133 13.06 -0.82 6.84
CA GLU B 133 13.59 -0.53 8.16
C GLU B 133 13.42 -1.75 9.05
N ILE B 134 14.36 -1.99 9.94
CA ILE B 134 14.23 -2.99 11.00
C ILE B 134 14.43 -2.29 12.33
N ASN B 135 13.38 -2.24 13.15
CA ASN B 135 13.40 -1.53 14.43
C ASN B 135 13.88 -0.08 14.23
N GLY B 136 13.19 0.62 13.32
CA GLY B 136 13.45 2.02 13.03
C GLY B 136 14.76 2.33 12.33
N GLN B 137 15.45 1.30 11.84
CA GLN B 137 16.78 1.48 11.23
C GLN B 137 16.78 1.19 9.73
N ASN B 138 17.12 2.21 8.93
CA ASN B 138 17.20 2.05 7.47
C ASN B 138 18.10 0.89 7.05
N VAL B 139 17.60 0.04 6.15
CA VAL B 139 18.40 -1.05 5.58
C VAL B 139 18.34 -1.11 4.06
N ILE B 140 17.76 -0.07 3.44
CA ILE B 140 17.68 -0.01 1.98
C ILE B 140 19.06 0.18 1.43
N GLY B 141 19.47 -0.75 0.56
CA GLY B 141 20.75 -0.64 -0.12
C GLY B 141 21.87 -1.44 0.54
N LEU B 142 21.70 -1.79 1.81
CA LEU B 142 22.61 -2.72 2.47
C LEU B 142 22.59 -4.07 1.75
N LYS B 143 23.72 -4.77 1.79
CA LYS B 143 23.77 -6.15 1.30
C LYS B 143 22.90 -7.01 2.18
N ASP B 144 22.39 -8.10 1.61
CA ASP B 144 21.53 -9.01 2.34
C ASP B 144 22.16 -9.51 3.65
N SER B 145 23.45 -9.81 3.61
CA SER B 145 24.15 -10.36 4.78
C SER B 145 24.16 -9.38 5.95
N GLN B 146 24.23 -8.09 5.66
CA GLN B 146 24.13 -7.04 6.66
C GLN B 146 22.72 -6.89 7.24
N ILE B 147 21.71 -7.13 6.41
CA ILE B 147 20.33 -7.11 6.87
C ILE B 147 20.09 -8.28 7.81
N ALA B 148 20.57 -9.46 7.44
CA ALA B 148 20.47 -10.63 8.30
C ALA B 148 21.18 -10.45 9.64
N ASP B 149 22.26 -9.66 9.67
CA ASP B 149 23.00 -9.44 10.92
C ASP B 149 22.33 -8.42 11.83
N ILE B 150 21.61 -7.45 11.25
CA ILE B 150 20.84 -6.49 12.06
C ILE B 150 19.67 -7.21 12.74
N LEU B 151 19.00 -8.05 11.96
CA LEU B 151 17.93 -8.91 12.45
C LEU B 151 18.38 -9.86 13.57
N SER B 152 19.64 -10.29 13.50
CA SER B 152 20.23 -11.16 14.51
C SER B 152 20.41 -10.40 15.82
N THR B 153 20.74 -9.11 15.75
CA THR B 153 20.98 -8.32 16.96
C THR B 153 19.84 -7.38 17.33
N SER B 154 18.66 -7.57 16.76
CA SER B 154 17.47 -6.92 17.26
C SER B 154 17.05 -7.73 18.49
N GLY B 155 15.84 -7.57 19.00
CA GLY B 155 15.46 -8.37 20.16
C GLY B 155 14.86 -9.69 19.74
N THR B 156 14.05 -10.24 20.62
CA THR B 156 13.08 -11.27 20.28
C THR B 156 11.92 -10.67 19.49
N VAL B 157 11.70 -9.36 19.64
CA VAL B 157 10.58 -8.68 18.99
C VAL B 157 11.06 -7.79 17.86
N VAL B 158 10.72 -8.18 16.64
CA VAL B 158 11.21 -7.52 15.44
C VAL B 158 10.07 -6.84 14.68
N THR B 159 10.11 -5.53 14.66
CA THR B 159 9.20 -4.70 13.87
C THR B 159 9.87 -4.33 12.57
N ILE B 160 9.37 -4.83 11.44
CA ILE B 160 9.91 -4.40 10.15
C ILE B 160 8.95 -3.49 9.37
N THR B 161 9.54 -2.61 8.59
CA THR B 161 8.80 -1.73 7.70
C THR B 161 9.03 -2.24 6.29
N ILE B 162 7.94 -2.38 5.55
CA ILE B 162 7.99 -2.99 4.26
C ILE B 162 7.16 -2.16 3.28
N MET B 163 7.33 -2.39 2.00
CA MET B 163 6.41 -1.85 1.02
C MET B 163 6.48 -2.62 -0.27
N PRO B 164 5.38 -2.68 -1.00
CA PRO B 164 5.32 -3.47 -2.22
C PRO B 164 6.43 -3.07 -3.16
N ALA B 165 6.98 -4.05 -3.87
CA ALA B 165 8.00 -3.80 -4.88
C ALA B 165 7.33 -3.26 -6.12
N ASN C 2 22.24 -15.98 -3.75
CA ASN C 2 21.88 -16.64 -2.46
C ASN C 2 20.72 -15.95 -1.74
N GLU C 3 19.89 -16.74 -1.08
CA GLU C 3 18.75 -16.24 -0.31
C GLU C 3 18.93 -16.59 1.16
N TYR C 4 18.48 -15.67 2.02
CA TYR C 4 18.72 -15.75 3.45
C TYR C 4 17.44 -16.11 4.17
N TYR C 5 17.54 -17.04 5.11
CA TYR C 5 16.44 -17.42 5.99
C TYR C 5 16.68 -16.71 7.30
N VAL C 6 15.66 -16.03 7.79
CA VAL C 6 15.83 -15.08 8.89
C VAL C 6 14.62 -15.11 9.81
N ASN D 2 -17.46 3.02 -21.57
CA ASN D 2 -17.39 4.48 -21.26
C ASN D 2 -16.50 4.79 -20.05
N GLU D 3 -16.02 6.03 -19.99
CA GLU D 3 -15.30 6.57 -18.83
C GLU D 3 -16.06 7.75 -18.27
N TYR D 4 -15.60 8.22 -17.12
CA TYR D 4 -16.23 9.34 -16.46
C TYR D 4 -15.11 10.22 -15.92
N TYR D 5 -14.85 11.32 -16.62
CA TYR D 5 -14.10 12.43 -16.06
C TYR D 5 -14.94 12.96 -14.89
N VAL D 6 -14.32 13.10 -13.72
CA VAL D 6 -15.02 13.56 -12.53
C VAL D 6 -14.17 14.52 -11.71
#